data_6YXP
#
_entry.id   6YXP
#
_cell.length_a   43.900
_cell.length_b   138.322
_cell.length_c   56.510
_cell.angle_alpha   90.00
_cell.angle_beta   110.31
_cell.angle_gamma   90.00
#
_symmetry.space_group_name_H-M   'P 1 21 1'
#
loop_
_entity.id
_entity.type
_entity.pdbx_description
1 polymer 'SWI/SNF complex subunit SMARCC1'
2 water water
#
_entity_poly.entity_id   1
_entity_poly.type   'polypeptide(L)'
_entity_poly.pdbx_seq_one_letter_code
;GSLAVYRRKDGGPATKFWESPETVSQLDSVRVWLGKHYKKYVHADAPTNKTLAGLVVQLLQFQEDAFGKHVTNPAFTKLP
AKCFMDFKAGGALCHILGAAYKYKNEQGWRRFDLQNPSRMDRNVEMFMNIEKTLVQNNCLTRPNIYLIPDIDLKLANKLK
DIIKRHQGTFTDEKSKASHHIYPYSSSQDDEEWLRPVMRKEKQVLVHWGFYPDSYDTWVHSNDVDAEIEDPPIPEKPWKV
HVKWILDTDIFNEWMNEEDYEVDENRKPVSFRQRISTKNE
;
_entity_poly.pdbx_strand_id   A,B
#
# COMPACT_ATOMS: atom_id res chain seq x y z
N SER A 2 6.13 15.38 -3.63
CA SER A 2 7.28 14.61 -3.20
C SER A 2 7.12 13.13 -3.55
N LEU A 3 8.25 12.44 -3.74
CA LEU A 3 8.22 11.02 -4.09
C LEU A 3 7.73 10.15 -2.94
N ALA A 4 7.56 10.71 -1.74
CA ALA A 4 7.07 9.93 -0.61
C ALA A 4 5.65 9.44 -0.80
N VAL A 5 4.94 9.88 -1.85
CA VAL A 5 3.64 9.28 -2.10
C VAL A 5 3.77 7.79 -2.39
N TYR A 6 4.97 7.35 -2.79
CA TYR A 6 5.24 5.94 -3.05
C TYR A 6 5.66 5.17 -1.82
N ARG A 7 6.04 5.86 -0.74
CA ARG A 7 6.65 5.17 0.41
C ARG A 7 5.69 4.14 0.99
N ARG A 8 6.21 2.93 1.24
CA ARG A 8 5.43 1.90 1.90
C ARG A 8 4.80 2.43 3.18
N LYS A 9 3.56 2.01 3.44
CA LYS A 9 2.90 2.40 4.68
C LYS A 9 3.14 1.42 5.82
N ASP A 10 3.71 0.27 5.53
CA ASP A 10 4.03 -0.71 6.56
C ASP A 10 5.26 -1.47 6.09
N GLY A 11 5.79 -2.32 6.98
CA GLY A 11 7.00 -3.02 6.62
C GLY A 11 6.77 -4.44 6.13
N GLY A 12 5.59 -4.70 5.58
CA GLY A 12 5.31 -6.02 5.04
C GLY A 12 6.03 -6.25 3.73
N PRO A 13 5.88 -7.46 3.20
CA PRO A 13 6.68 -7.86 2.03
C PRO A 13 6.27 -7.13 0.77
N ALA A 14 7.25 -6.89 -0.11
CA ALA A 14 7.01 -6.35 -1.45
C ALA A 14 6.61 -7.53 -2.32
N THR A 15 5.31 -7.85 -2.31
CA THR A 15 4.83 -9.09 -2.92
C THR A 15 5.18 -9.18 -4.40
N LYS A 16 5.19 -8.03 -5.10
CA LYS A 16 5.51 -8.06 -6.52
C LYS A 16 6.96 -8.45 -6.78
N PHE A 17 7.87 -8.11 -5.86
CA PHE A 17 9.25 -8.54 -6.02
C PHE A 17 9.36 -10.04 -5.88
N TRP A 18 8.70 -10.60 -4.86
CA TRP A 18 8.87 -12.02 -4.60
C TRP A 18 8.13 -12.89 -5.61
N GLU A 19 7.13 -12.34 -6.30
CA GLU A 19 6.43 -13.09 -7.33
C GLU A 19 7.06 -12.94 -8.70
N SER A 20 8.05 -12.06 -8.83
CA SER A 20 8.73 -11.86 -10.09
C SER A 20 9.38 -13.16 -10.57
N PRO A 21 9.24 -13.52 -11.83
CA PRO A 21 10.00 -14.68 -12.35
C PRO A 21 11.50 -14.63 -12.08
N GLU A 22 12.11 -13.43 -12.14
CA GLU A 22 13.54 -13.34 -11.89
C GLU A 22 13.88 -13.67 -10.44
N THR A 23 13.05 -13.21 -9.49
CA THR A 23 13.30 -13.54 -8.09
C THR A 23 13.11 -15.02 -7.84
N VAL A 24 12.05 -15.59 -8.43
CA VAL A 24 11.84 -17.04 -8.31
C VAL A 24 13.06 -17.79 -8.83
N SER A 25 13.63 -17.35 -9.97
CA SER A 25 14.79 -18.06 -10.50
C SER A 25 16.02 -17.88 -9.61
N GLN A 26 16.11 -16.76 -8.88
CA GLN A 26 17.21 -16.57 -7.94
C GLN A 26 17.14 -17.55 -6.78
N LEU A 27 15.95 -18.06 -6.47
CA LEU A 27 15.82 -19.02 -5.37
C LEU A 27 16.25 -20.42 -5.75
N ASP A 28 16.58 -20.66 -7.03
CA ASP A 28 16.98 -22.00 -7.43
C ASP A 28 18.18 -22.49 -6.62
N SER A 29 19.20 -21.65 -6.45
CA SER A 29 20.37 -22.11 -5.72
C SER A 29 20.06 -22.32 -4.24
N VAL A 30 19.11 -21.56 -3.69
CA VAL A 30 18.65 -21.76 -2.32
C VAL A 30 17.95 -23.11 -2.19
N ARG A 31 17.03 -23.40 -3.12
CA ARG A 31 16.34 -24.69 -3.13
C ARG A 31 17.33 -25.85 -3.17
N VAL A 32 18.31 -25.79 -4.07
CA VAL A 32 19.29 -26.88 -4.20
C VAL A 32 20.12 -27.01 -2.93
N TRP A 33 20.56 -25.88 -2.37
CA TRP A 33 21.35 -25.92 -1.13
C TRP A 33 20.53 -26.52 0.00
N LEU A 34 19.26 -26.13 0.14
CA LEU A 34 18.40 -26.71 1.17
C LEU A 34 18.29 -28.21 1.02
N GLY A 35 18.20 -28.70 -0.21
CA GLY A 35 18.05 -30.13 -0.43
C GLY A 35 19.26 -30.95 -0.04
N LYS A 36 20.39 -30.30 0.23
CA LYS A 36 21.56 -30.98 0.76
C LYS A 36 21.76 -30.72 2.25
N HIS A 37 21.69 -29.46 2.66
CA HIS A 37 22.11 -29.09 4.01
C HIS A 37 20.97 -29.11 5.01
N TYR A 38 19.73 -29.14 4.53
CA TYR A 38 18.55 -29.33 5.37
C TYR A 38 17.72 -30.49 4.82
N LYS A 39 18.43 -31.48 4.24
CA LYS A 39 17.76 -32.53 3.48
C LYS A 39 16.73 -33.27 4.32
N LYS A 40 17.04 -33.50 5.61
CA LYS A 40 16.09 -34.23 6.45
C LYS A 40 14.75 -33.51 6.57
N TYR A 41 14.75 -32.17 6.47
CA TYR A 41 13.56 -31.39 6.79
C TYR A 41 12.82 -30.85 5.57
N VAL A 42 13.44 -30.85 4.39
CA VAL A 42 12.75 -30.38 3.19
C VAL A 42 12.41 -31.50 2.23
N HIS A 43 12.88 -32.74 2.46
CA HIS A 43 12.59 -33.78 1.49
C HIS A 43 11.09 -34.09 1.43
N ALA A 44 10.40 -34.02 2.57
CA ALA A 44 8.98 -34.34 2.60
C ALA A 44 8.20 -33.42 1.67
N ASP A 45 8.43 -32.11 1.80
CA ASP A 45 7.67 -31.13 1.04
C ASP A 45 8.19 -30.90 -0.37
N ALA A 46 9.46 -31.22 -0.62
CA ALA A 46 10.15 -30.99 -1.89
C ALA A 46 9.73 -29.65 -2.53
N PRO A 47 9.97 -28.54 -1.84
CA PRO A 47 9.41 -27.27 -2.32
C PRO A 47 10.09 -26.78 -3.59
N THR A 48 9.29 -26.18 -4.47
CA THR A 48 9.80 -25.54 -5.66
C THR A 48 10.29 -24.14 -5.34
N ASN A 49 10.95 -23.52 -6.33
CA ASN A 49 11.40 -22.13 -6.20
C ASN A 49 10.25 -21.21 -5.85
N LYS A 50 9.11 -21.37 -6.55
CA LYS A 50 7.98 -20.48 -6.30
C LYS A 50 7.33 -20.78 -4.95
N THR A 51 7.31 -22.05 -4.54
CA THR A 51 6.81 -22.33 -3.19
C THR A 51 7.68 -21.67 -2.13
N LEU A 52 9.01 -21.70 -2.31
CA LEU A 52 9.89 -21.01 -1.37
C LEU A 52 9.63 -19.50 -1.37
N ALA A 53 9.43 -18.91 -2.56
CA ALA A 53 9.12 -17.49 -2.60
C ALA A 53 7.83 -17.18 -1.84
N GLY A 54 6.83 -18.05 -1.98
CA GLY A 54 5.59 -17.84 -1.28
C GLY A 54 5.76 -17.95 0.23
N LEU A 55 6.64 -18.86 0.67
CA LEU A 55 6.89 -18.98 2.10
C LEU A 55 7.60 -17.75 2.64
N VAL A 56 8.53 -17.18 1.86
CA VAL A 56 9.17 -15.93 2.28
C VAL A 56 8.12 -14.85 2.49
N VAL A 57 7.18 -14.71 1.53
CA VAL A 57 6.15 -13.70 1.67
C VAL A 57 5.35 -13.94 2.94
N GLN A 58 5.00 -15.19 3.23
CA GLN A 58 4.21 -15.52 4.41
C GLN A 58 4.99 -15.21 5.69
N LEU A 59 6.28 -15.55 5.70
CA LEU A 59 7.11 -15.25 6.86
C LEU A 59 7.25 -13.75 7.07
N LEU A 60 7.52 -13.01 6.00
CA LEU A 60 7.65 -11.56 6.13
C LEU A 60 6.33 -10.92 6.57
N GLN A 61 5.21 -11.40 6.00
CA GLN A 61 3.93 -10.85 6.42
C GLN A 61 3.65 -11.17 7.88
N PHE A 62 3.98 -12.40 8.31
CA PHE A 62 3.74 -12.76 9.70
C PHE A 62 4.51 -11.84 10.64
N GLN A 63 5.79 -11.60 10.36
CA GLN A 63 6.51 -10.80 11.35
C GLN A 63 6.09 -9.34 11.31
N GLU A 64 5.61 -8.84 10.15
CA GLU A 64 5.04 -7.50 10.16
C GLU A 64 3.72 -7.47 10.93
N ASP A 65 2.89 -8.51 10.75
CA ASP A 65 1.61 -8.56 11.45
C ASP A 65 1.80 -8.71 12.96
N ALA A 66 2.76 -9.53 13.37
CA ALA A 66 2.93 -9.84 14.79
C ALA A 66 3.85 -8.85 15.48
N PHE A 67 4.84 -8.30 14.77
CA PHE A 67 5.92 -7.53 15.39
C PHE A 67 6.11 -6.14 14.79
N GLY A 68 5.24 -5.72 13.88
CA GLY A 68 5.41 -4.47 13.19
C GLY A 68 5.15 -3.26 14.07
N LYS A 69 5.37 -2.07 13.48
CA LYS A 69 5.28 -0.81 14.21
C LYS A 69 3.93 -0.64 14.90
N HIS A 70 2.85 -1.13 14.27
CA HIS A 70 1.50 -0.92 14.83
C HIS A 70 1.21 -1.76 16.06
N VAL A 71 2.05 -2.74 16.39
CA VAL A 71 1.80 -3.64 17.52
C VAL A 71 2.28 -2.99 18.81
N THR A 72 1.42 -2.98 19.83
CA THR A 72 1.84 -2.64 21.18
C THR A 72 2.26 -3.91 21.91
N ASN A 73 3.37 -3.83 22.62
CA ASN A 73 3.95 -4.98 23.32
C ASN A 73 4.19 -6.18 22.39
N PRO A 74 4.99 -6.01 21.34
CA PRO A 74 5.31 -7.16 20.48
C PRO A 74 6.15 -8.19 21.22
N ALA A 75 5.96 -9.45 20.86
CA ALA A 75 6.63 -10.55 21.55
C ALA A 75 8.06 -10.78 21.06
N PHE A 76 8.47 -10.12 19.99
CA PHE A 76 9.79 -10.32 19.42
C PHE A 76 10.11 -9.14 18.55
N THR A 77 11.40 -8.97 18.20
CA THR A 77 11.86 -7.90 17.31
C THR A 77 11.91 -8.43 15.88
N LYS A 78 11.57 -7.60 14.91
CA LYS A 78 11.66 -8.04 13.51
C LYS A 78 13.07 -8.46 13.15
N LEU A 79 13.17 -9.53 12.37
CA LEU A 79 14.45 -9.89 11.76
C LEU A 79 14.81 -8.87 10.69
N PRO A 80 16.09 -8.57 10.52
CA PRO A 80 16.48 -7.58 9.51
C PRO A 80 16.03 -7.98 8.12
N ALA A 81 15.47 -6.99 7.40
CA ALA A 81 15.05 -7.25 6.04
C ALA A 81 16.20 -7.75 5.18
N LYS A 82 17.43 -7.28 5.44
CA LYS A 82 18.55 -7.67 4.61
C LYS A 82 18.78 -9.16 4.64
N CYS A 83 18.39 -9.82 5.73
CA CYS A 83 18.60 -11.27 5.86
C CYS A 83 17.84 -12.01 4.77
N PHE A 84 16.63 -11.54 4.46
CA PHE A 84 15.80 -12.21 3.47
C PHE A 84 16.30 -11.98 2.05
N MET A 85 17.15 -10.98 1.85
CA MET A 85 17.64 -10.62 0.53
C MET A 85 18.99 -11.24 0.23
N ASP A 86 19.50 -12.11 1.11
CA ASP A 86 20.78 -12.77 0.90
C ASP A 86 20.48 -14.14 0.29
N PHE A 87 20.66 -14.25 -1.03
CA PHE A 87 20.32 -15.45 -1.80
C PHE A 87 21.50 -16.38 -2.00
N LYS A 88 22.66 -16.07 -1.43
CA LYS A 88 23.82 -16.90 -1.67
C LYS A 88 23.64 -18.25 -0.98
N ALA A 89 24.11 -19.31 -1.64
CA ALA A 89 24.12 -20.62 -1.00
C ALA A 89 24.80 -20.55 0.37
N GLY A 90 24.12 -21.05 1.39
CA GLY A 90 24.64 -20.98 2.74
C GLY A 90 24.43 -19.68 3.46
N GLY A 91 23.75 -18.72 2.81
CA GLY A 91 23.53 -17.41 3.40
C GLY A 91 22.28 -17.34 4.26
N ALA A 92 21.86 -16.11 4.54
CA ALA A 92 20.84 -15.95 5.58
C ALA A 92 19.49 -16.51 5.14
N LEU A 93 19.09 -16.33 3.88
CA LEU A 93 17.79 -16.82 3.47
C LEU A 93 17.77 -18.34 3.53
N CYS A 94 18.88 -18.98 3.15
CA CYS A 94 19.00 -20.43 3.29
C CYS A 94 18.71 -20.87 4.71
N HIS A 95 19.33 -20.19 5.67
CA HIS A 95 19.14 -20.62 7.05
C HIS A 95 17.77 -20.22 7.58
N ILE A 96 17.18 -19.11 7.12
CA ILE A 96 15.81 -18.81 7.53
C ILE A 96 14.87 -19.92 7.08
N LEU A 97 14.93 -20.28 5.78
CA LEU A 97 14.00 -21.27 5.26
C LEU A 97 14.32 -22.65 5.84
N GLY A 98 15.61 -22.98 5.94
CA GLY A 98 15.99 -24.24 6.57
C GLY A 98 15.48 -24.34 8.00
N ALA A 99 15.71 -23.30 8.80
CA ALA A 99 15.25 -23.31 10.18
C ALA A 99 13.74 -23.44 10.24
N ALA A 100 13.01 -22.74 9.36
CA ALA A 100 11.56 -22.85 9.32
C ALA A 100 11.12 -24.30 9.06
N TYR A 101 11.69 -24.94 8.04
CA TYR A 101 11.31 -26.33 7.77
C TYR A 101 11.74 -27.26 8.89
N LYS A 102 12.93 -27.02 9.49
CA LYS A 102 13.37 -27.85 10.60
C LYS A 102 12.42 -27.73 11.78
N TYR A 103 12.00 -26.51 12.10
CA TYR A 103 11.09 -26.30 13.22
C TYR A 103 9.74 -26.96 12.96
N LYS A 104 9.20 -26.78 11.76
CA LYS A 104 7.94 -27.42 11.39
C LYS A 104 8.03 -28.93 11.60
N ASN A 105 9.14 -29.53 11.17
CA ASN A 105 9.33 -30.97 11.32
C ASN A 105 9.38 -31.36 12.79
N GLU A 106 10.15 -30.63 13.59
CA GLU A 106 10.30 -30.97 15.00
C GLU A 106 8.99 -30.84 15.77
N GLN A 107 8.10 -29.97 15.32
CA GLN A 107 6.82 -29.80 16.00
C GLN A 107 5.73 -30.73 15.46
N GLY A 108 6.03 -31.52 14.44
CA GLY A 108 5.03 -32.38 13.85
C GLY A 108 3.91 -31.67 13.14
N TRP A 109 4.06 -30.38 12.84
CA TRP A 109 3.07 -29.67 12.06
C TRP A 109 2.88 -30.32 10.70
N ARG A 110 1.64 -30.40 10.24
CA ARG A 110 1.42 -30.88 8.89
C ARG A 110 1.79 -29.81 7.86
N ARG A 111 1.46 -28.55 8.14
CA ARG A 111 1.72 -27.45 7.23
C ARG A 111 2.20 -26.24 8.01
N PHE A 112 2.82 -25.30 7.31
CA PHE A 112 2.95 -23.95 7.85
C PHE A 112 1.56 -23.33 7.90
N ASP A 113 1.27 -22.61 8.98
CA ASP A 113 -0.01 -21.93 9.12
C ASP A 113 0.24 -20.53 9.71
N LEU A 114 0.77 -19.65 8.88
CA LEU A 114 1.20 -18.32 9.34
C LEU A 114 0.08 -17.29 9.28
N GLN A 115 -0.76 -17.33 8.25
CA GLN A 115 -1.92 -16.43 8.12
C GLN A 115 -3.03 -16.76 9.09
N ASN A 116 -2.85 -17.66 10.04
CA ASN A 116 -3.96 -18.12 10.87
C ASN A 116 -3.81 -17.58 12.29
N PRO A 117 -4.70 -16.69 12.75
CA PRO A 117 -4.53 -16.11 14.09
C PRO A 117 -4.53 -17.13 15.21
N SER A 118 -5.20 -18.27 15.03
CA SER A 118 -5.17 -19.32 16.03
C SER A 118 -3.76 -19.86 16.27
N ARG A 119 -2.82 -19.59 15.35
CA ARG A 119 -1.47 -20.13 15.41
C ARG A 119 -0.46 -18.97 15.39
N MET A 120 -0.24 -18.35 16.55
CA MET A 120 0.77 -17.32 16.68
C MET A 120 1.82 -17.61 17.75
N ASP A 121 1.44 -18.25 18.86
CA ASP A 121 2.40 -18.42 19.95
C ASP A 121 3.53 -19.37 19.55
N ARG A 122 3.21 -20.43 18.82
CA ARG A 122 4.27 -21.32 18.34
C ARG A 122 4.94 -20.78 17.10
N ASN A 123 4.25 -19.95 16.31
CA ASN A 123 4.90 -19.24 15.21
C ASN A 123 5.89 -18.21 15.75
N VAL A 124 5.58 -17.56 16.87
CA VAL A 124 6.54 -16.67 17.50
C VAL A 124 7.77 -17.45 17.94
N GLU A 125 7.56 -18.64 18.54
CA GLU A 125 8.69 -19.47 18.92
C GLU A 125 9.52 -19.89 17.71
N MET A 126 8.87 -20.11 16.56
CA MET A 126 9.62 -20.43 15.35
C MET A 126 10.53 -19.27 14.95
N PHE A 127 10.04 -18.04 15.06
CA PHE A 127 10.90 -16.91 14.73
C PHE A 127 12.05 -16.77 15.71
N MET A 128 11.83 -17.06 17.00
CA MET A 128 12.95 -17.03 17.94
C MET A 128 13.98 -18.09 17.58
N ASN A 129 13.51 -19.24 17.09
CA ASN A 129 14.40 -20.29 16.62
C ASN A 129 15.13 -19.89 15.35
N ILE A 130 14.44 -19.22 14.42
CA ILE A 130 15.11 -18.73 13.21
C ILE A 130 16.22 -17.77 13.58
N GLU A 131 15.93 -16.84 14.48
CA GLU A 131 16.96 -15.86 14.89
C GLU A 131 18.16 -16.55 15.52
N LYS A 132 17.91 -17.56 16.37
CA LYS A 132 19.01 -18.31 16.98
C LYS A 132 19.88 -18.98 15.93
N THR A 133 19.24 -19.56 14.90
CA THR A 133 19.97 -20.22 13.84
C THR A 133 20.82 -19.23 13.05
N LEU A 134 20.28 -18.03 12.78
CA LEU A 134 21.07 -17.05 12.07
C LEU A 134 22.28 -16.61 12.88
N VAL A 135 22.09 -16.41 14.19
CA VAL A 135 23.22 -16.00 15.03
C VAL A 135 24.25 -17.12 15.10
N GLN A 136 23.79 -18.35 15.29
CA GLN A 136 24.71 -19.49 15.41
C GLN A 136 25.51 -19.72 14.16
N ASN A 137 24.95 -19.41 12.99
CA ASN A 137 25.66 -19.60 11.73
C ASN A 137 26.34 -18.32 11.24
N ASN A 138 26.47 -17.33 12.13
CA ASN A 138 27.19 -16.08 11.86
C ASN A 138 26.61 -15.31 10.68
N CYS A 139 25.30 -15.39 10.48
CA CYS A 139 24.62 -14.57 9.47
C CYS A 139 24.14 -13.26 10.08
N LEU A 140 23.88 -13.27 11.38
CA LEU A 140 23.29 -12.16 12.11
C LEU A 140 24.09 -11.97 13.40
N THR A 141 24.44 -10.72 13.69
CA THR A 141 25.00 -10.31 14.96
C THR A 141 24.14 -9.17 15.50
N ARG A 142 23.51 -9.38 16.64
CA ARG A 142 22.75 -8.27 17.19
C ARG A 142 23.69 -7.28 17.88
N PRO A 143 23.32 -6.00 17.95
CA PRO A 143 24.27 -4.98 18.37
C PRO A 143 24.80 -5.20 19.78
N ASN A 144 26.08 -4.85 19.97
CA ASN A 144 26.73 -4.78 21.29
C ASN A 144 27.24 -3.35 21.44
N ILE A 145 26.53 -2.55 22.22
CA ILE A 145 26.55 -1.09 22.09
C ILE A 145 27.36 -0.45 23.21
N TYR A 146 28.17 0.55 22.85
CA TYR A 146 28.86 1.39 23.83
C TYR A 146 28.27 2.80 23.77
N LEU A 147 27.86 3.31 24.91
CA LEU A 147 27.34 4.68 25.00
C LEU A 147 28.49 5.62 25.32
N ILE A 148 28.66 6.64 24.48
CA ILE A 148 29.70 7.65 24.70
C ILE A 148 29.44 8.36 26.02
N PRO A 149 30.46 8.69 26.82
CA PRO A 149 30.21 9.23 28.17
C PRO A 149 29.39 10.51 28.22
N ASP A 150 29.32 11.29 27.14
CA ASP A 150 28.55 12.52 27.19
C ASP A 150 27.04 12.28 27.26
N ILE A 151 26.58 11.06 27.03
CA ILE A 151 25.16 10.76 27.16
C ILE A 151 24.82 10.70 28.63
N ASP A 152 23.84 11.50 29.05
CA ASP A 152 23.58 11.68 30.48
C ASP A 152 22.83 10.46 31.04
N LEU A 153 22.75 10.43 32.37
CA LEU A 153 22.25 9.23 33.06
C LEU A 153 20.84 8.85 32.61
N LYS A 154 19.92 9.81 32.64
CA LYS A 154 18.53 9.46 32.33
C LYS A 154 18.39 8.98 30.88
N LEU A 155 19.07 9.64 29.94
CA LEU A 155 18.97 9.17 28.56
C LEU A 155 19.63 7.82 28.39
N ALA A 156 20.79 7.63 29.02
CA ALA A 156 21.46 6.34 28.92
C ALA A 156 20.56 5.23 29.47
N ASN A 157 19.85 5.51 30.57
CA ASN A 157 18.97 4.49 31.16
C ASN A 157 17.87 4.11 30.20
N LYS A 158 17.28 5.10 29.54
CA LYS A 158 16.25 4.85 28.53
C LYS A 158 16.81 4.03 27.38
N LEU A 159 18.01 4.38 26.92
CA LEU A 159 18.60 3.67 25.78
C LEU A 159 18.91 2.22 26.12
N LYS A 160 19.43 1.97 27.34
CA LYS A 160 19.72 0.59 27.74
C LYS A 160 18.45 -0.25 27.75
N ASP A 161 17.34 0.32 28.22
CA ASP A 161 16.07 -0.42 28.21
C ASP A 161 15.67 -0.80 26.79
N ILE A 162 15.79 0.14 25.85
CA ILE A 162 15.44 -0.17 24.46
C ILE A 162 16.36 -1.26 23.91
N ILE A 163 17.66 -1.14 24.18
CA ILE A 163 18.62 -2.09 23.64
C ILE A 163 18.25 -3.50 24.08
N LYS A 164 17.99 -3.68 25.38
CA LYS A 164 17.72 -5.01 25.92
C LYS A 164 16.42 -5.58 25.37
N ARG A 165 15.41 -4.73 25.18
CA ARG A 165 14.12 -5.20 24.66
C ARG A 165 14.17 -5.55 23.18
N HIS A 166 15.27 -5.26 22.49
CA HIS A 166 15.41 -5.57 21.07
C HIS A 166 16.58 -6.52 20.79
N GLN A 167 16.86 -7.40 21.75
CA GLN A 167 17.86 -8.46 21.60
C GLN A 167 19.27 -7.91 21.47
N GLY A 168 19.51 -6.68 21.92
CA GLY A 168 20.84 -6.12 21.94
C GLY A 168 21.48 -6.24 23.31
N THR A 169 22.78 -5.97 23.35
CA THR A 169 23.52 -5.89 24.59
C THR A 169 24.26 -4.56 24.62
N PHE A 170 24.76 -4.18 25.80
CA PHE A 170 25.57 -2.99 25.90
C PHE A 170 26.78 -3.31 26.76
N THR A 171 27.84 -2.51 26.59
CA THR A 171 29.14 -2.82 27.18
C THR A 171 29.83 -1.54 27.60
N ASP A 172 30.72 -1.66 28.60
CA ASP A 172 31.57 -0.55 29.01
C ASP A 172 32.94 -0.61 28.35
N GLU A 173 33.19 -1.60 27.50
CA GLU A 173 34.48 -1.77 26.83
C GLU A 173 34.35 -1.30 25.38
N LYS A 174 34.78 -0.06 25.11
CA LYS A 174 34.58 0.53 23.78
C LYS A 174 35.14 -0.35 22.68
N SER A 175 36.29 -0.98 22.91
CA SER A 175 36.98 -1.70 21.87
C SER A 175 36.24 -2.98 21.44
N LYS A 176 35.31 -3.46 22.24
CA LYS A 176 34.56 -4.65 21.91
C LYS A 176 33.17 -4.35 21.35
N ALA A 177 32.82 -3.08 21.23
CA ALA A 177 31.48 -2.71 20.81
C ALA A 177 31.34 -2.70 19.29
N SER A 178 30.14 -3.08 18.82
CA SER A 178 29.81 -2.99 17.41
C SER A 178 29.39 -1.58 17.02
N HIS A 179 28.85 -0.83 17.97
CA HIS A 179 28.33 0.52 17.74
C HIS A 179 28.74 1.42 18.90
N HIS A 180 29.13 2.66 18.57
CA HIS A 180 29.33 3.72 19.54
C HIS A 180 28.24 4.76 19.34
N ILE A 181 27.52 5.09 20.42
CA ILE A 181 26.38 6.00 20.35
C ILE A 181 26.77 7.37 20.87
N TYR A 182 26.53 8.40 20.07
CA TYR A 182 26.80 9.79 20.39
C TYR A 182 25.51 10.58 20.65
N PRO A 183 25.59 11.69 21.38
CA PRO A 183 24.43 12.57 21.49
C PRO A 183 24.00 13.12 20.14
N TYR A 184 22.72 13.42 20.02
CA TYR A 184 22.16 14.00 18.80
C TYR A 184 22.35 15.51 18.85
N SER A 185 23.07 16.06 17.87
CA SER A 185 23.26 17.49 17.77
C SER A 185 22.56 18.05 16.53
N GLU A 191 16.13 15.07 7.37
CA GLU A 191 15.02 15.73 6.70
C GLU A 191 14.20 14.71 5.93
N GLU A 192 13.84 15.08 4.71
CA GLU A 192 12.99 14.28 3.85
C GLU A 192 13.84 13.81 2.67
N TRP A 193 14.39 12.61 2.79
CA TRP A 193 15.33 12.15 1.78
C TRP A 193 15.24 10.64 1.62
N LEU A 194 15.88 10.17 0.55
CA LEU A 194 15.97 8.75 0.24
C LEU A 194 17.37 8.46 -0.28
N ARG A 195 17.67 7.17 -0.42
CA ARG A 195 18.91 6.70 -0.95
C ARG A 195 18.55 5.54 -1.88
N PRO A 196 18.97 5.55 -3.14
CA PRO A 196 18.73 4.37 -4.00
C PRO A 196 19.70 3.25 -3.65
N VAL A 197 19.20 2.02 -3.57
CA VAL A 197 20.06 0.93 -3.08
C VAL A 197 20.11 -0.28 -4.01
N MET A 198 19.20 -0.45 -4.96
CA MET A 198 19.25 -1.61 -5.83
C MET A 198 18.51 -1.27 -7.12
N ARG A 199 19.00 -1.80 -8.23
CA ARG A 199 18.39 -1.59 -9.54
C ARG A 199 17.98 -2.93 -10.13
N LYS A 200 16.78 -2.96 -10.72
CA LYS A 200 16.33 -4.17 -11.42
C LYS A 200 15.47 -3.74 -12.59
N GLU A 201 16.00 -3.97 -13.80
CA GLU A 201 15.38 -3.47 -15.04
C GLU A 201 15.13 -1.96 -14.93
N LYS A 202 13.88 -1.55 -15.03
CA LYS A 202 13.53 -0.14 -15.01
C LYS A 202 13.02 0.31 -13.65
N GLN A 203 13.27 -0.49 -12.62
CA GLN A 203 12.89 -0.16 -11.25
C GLN A 203 14.13 0.04 -10.39
N VAL A 204 13.96 0.86 -9.36
CA VAL A 204 15.01 1.14 -8.37
C VAL A 204 14.40 0.98 -6.99
N LEU A 205 15.09 0.24 -6.12
CA LEU A 205 14.69 0.12 -4.73
C LEU A 205 15.27 1.30 -3.96
N VAL A 206 14.43 2.03 -3.25
CA VAL A 206 14.90 3.20 -2.49
C VAL A 206 14.68 2.95 -1.01
N HIS A 207 15.66 3.41 -0.24
CA HIS A 207 15.59 3.43 1.20
C HIS A 207 15.20 4.83 1.66
N TRP A 208 14.16 4.91 2.49
CA TRP A 208 13.72 6.21 3.01
C TRP A 208 14.46 6.53 4.31
N GLY A 209 15.02 7.73 4.40
CA GLY A 209 15.75 8.09 5.60
C GLY A 209 14.90 7.97 6.85
N PHE A 210 15.45 7.34 7.88
CA PHE A 210 14.82 7.18 9.19
C PHE A 210 13.60 6.27 9.15
N TYR A 211 13.54 5.40 8.14
CA TYR A 211 12.64 4.26 8.11
C TYR A 211 13.50 3.00 8.07
N PRO A 212 13.05 1.90 8.67
CA PRO A 212 13.85 0.68 8.60
C PRO A 212 13.84 0.09 7.19
N ASP A 213 14.74 -0.87 6.97
CA ASP A 213 14.88 -1.45 5.63
C ASP A 213 13.60 -2.15 5.14
N SER A 214 12.72 -2.58 6.05
CA SER A 214 11.50 -3.22 5.56
C SER A 214 10.55 -2.26 4.87
N TYR A 215 10.81 -0.95 4.97
CA TYR A 215 10.02 0.04 4.25
C TYR A 215 10.63 0.41 2.90
N ASP A 216 11.78 -0.15 2.55
CA ASP A 216 12.38 0.12 1.23
C ASP A 216 11.35 -0.17 0.13
N THR A 217 11.30 0.72 -0.87
CA THR A 217 10.19 0.71 -1.83
C THR A 217 10.72 0.70 -3.25
N TRP A 218 10.13 -0.14 -4.10
CA TRP A 218 10.49 -0.17 -5.51
C TRP A 218 9.75 0.93 -6.27
N VAL A 219 10.51 1.79 -6.95
CA VAL A 219 9.95 2.92 -7.71
C VAL A 219 10.56 2.90 -9.11
N HIS A 220 10.05 3.79 -9.96
CA HIS A 220 10.53 3.85 -11.34
C HIS A 220 11.93 4.43 -11.40
N SER A 221 12.79 3.79 -12.21
CA SER A 221 14.16 4.24 -12.35
C SER A 221 14.25 5.71 -12.76
N ASN A 222 13.32 6.16 -13.61
CA ASN A 222 13.37 7.54 -14.09
C ASN A 222 12.91 8.55 -13.04
N ASP A 223 12.40 8.10 -11.89
CA ASP A 223 12.05 9.01 -10.81
C ASP A 223 13.21 9.27 -9.86
N VAL A 224 14.32 8.56 -10.01
CA VAL A 224 15.51 8.77 -9.18
C VAL A 224 16.66 9.13 -10.13
N ASP A 225 17.01 10.41 -10.19
CA ASP A 225 18.15 10.86 -10.98
C ASP A 225 19.39 10.87 -10.10
N ALA A 226 19.82 9.67 -9.73
CA ALA A 226 21.03 9.46 -8.95
C ALA A 226 21.44 8.01 -9.11
N GLU A 227 22.75 7.78 -9.13
CA GLU A 227 23.21 6.40 -9.26
C GLU A 227 23.33 5.74 -7.90
N ILE A 228 23.25 4.42 -7.91
CA ILE A 228 23.42 3.64 -6.68
C ILE A 228 24.89 3.64 -6.32
N GLU A 229 25.22 4.19 -5.16
CA GLU A 229 26.59 4.17 -4.69
C GLU A 229 26.87 2.89 -3.91
N ASP A 230 28.11 2.44 -3.95
CA ASP A 230 28.49 1.25 -3.22
C ASP A 230 28.27 1.48 -1.72
N PRO A 231 27.70 0.50 -1.02
CA PRO A 231 27.52 0.65 0.43
C PRO A 231 28.85 0.70 1.15
N PRO A 232 28.90 1.32 2.33
CA PRO A 232 30.16 1.35 3.08
C PRO A 232 30.60 -0.05 3.47
N ILE A 233 31.91 -0.26 3.45
CA ILE A 233 32.47 -1.52 3.92
C ILE A 233 32.43 -1.54 5.44
N PRO A 234 31.97 -2.63 6.06
CA PRO A 234 31.82 -2.64 7.53
C PRO A 234 33.13 -2.35 8.22
N GLU A 235 33.10 -1.36 9.12
CA GLU A 235 34.24 -1.01 9.94
C GLU A 235 33.79 -0.85 11.37
N LYS A 236 34.26 -1.72 12.24
CA LYS A 236 33.90 -1.64 13.66
C LYS A 236 34.67 -0.51 14.31
N PRO A 237 34.00 0.40 15.05
CA PRO A 237 32.55 0.38 15.26
C PRO A 237 31.81 1.40 14.40
N TRP A 238 30.52 1.15 14.19
CA TRP A 238 29.65 2.22 13.73
C TRP A 238 29.63 3.34 14.75
N LYS A 239 29.67 4.57 14.27
CA LYS A 239 29.45 5.75 15.11
C LYS A 239 28.12 6.35 14.68
N VAL A 240 27.11 6.27 15.56
CA VAL A 240 25.78 6.77 15.23
C VAL A 240 25.25 7.60 16.40
N HIS A 241 24.24 8.45 16.12
CA HIS A 241 23.67 9.18 17.25
C HIS A 241 22.45 8.45 17.84
N VAL A 242 21.97 8.98 18.96
CA VAL A 242 21.01 8.27 19.81
C VAL A 242 19.71 7.96 19.09
N LYS A 243 19.34 8.73 18.07
CA LYS A 243 18.07 8.41 17.41
C LYS A 243 18.10 7.06 16.70
N TRP A 244 19.28 6.53 16.40
CA TRP A 244 19.34 5.17 15.87
C TRP A 244 18.66 4.19 16.81
N ILE A 245 18.88 4.36 18.12
CA ILE A 245 18.23 3.50 19.10
C ILE A 245 16.77 3.94 19.35
N LEU A 246 16.54 5.24 19.49
CA LEU A 246 15.18 5.70 19.78
C LEU A 246 14.21 5.31 18.66
N ASP A 247 14.65 5.43 17.39
CA ASP A 247 13.77 5.04 16.29
C ASP A 247 13.60 3.52 16.19
N THR A 248 14.60 2.74 16.61
CA THR A 248 14.42 1.29 16.68
C THR A 248 13.24 0.92 17.56
N ASP A 249 13.05 1.65 18.66
CA ASP A 249 11.91 1.38 19.54
C ASP A 249 10.59 1.72 18.88
N ILE A 250 10.57 2.73 18.00
CA ILE A 250 9.34 3.06 17.28
C ILE A 250 8.95 1.93 16.33
N PHE A 251 9.92 1.45 15.57
CA PHE A 251 9.62 0.49 14.51
C PHE A 251 9.74 -0.97 14.94
N ASN A 252 10.26 -1.25 16.14
CA ASN A 252 10.51 -2.63 16.57
C ASN A 252 11.37 -3.37 15.56
N GLU A 253 12.36 -2.66 15.02
CA GLU A 253 13.22 -3.16 13.95
C GLU A 253 14.46 -2.30 14.04
N TRP A 254 15.65 -2.91 14.14
CA TRP A 254 16.85 -2.08 14.18
C TRP A 254 16.99 -1.26 12.90
N MET A 255 17.29 0.02 13.10
CA MET A 255 17.29 0.98 12.00
C MET A 255 18.61 0.87 11.22
N ASN A 256 18.65 1.56 10.09
CA ASN A 256 19.83 1.51 9.23
C ASN A 256 20.88 2.52 9.71
N GLU A 257 22.04 1.99 10.12
CA GLU A 257 23.11 2.83 10.68
C GLU A 257 23.50 3.98 9.77
N GLU A 258 23.46 3.79 8.44
CA GLU A 258 23.88 4.83 7.52
C GLU A 258 23.09 6.13 7.70
N ASP A 259 21.84 6.02 8.13
CA ASP A 259 21.01 7.21 8.26
C ASP A 259 21.38 8.06 9.46
N TYR A 260 22.14 7.49 10.41
CA TYR A 260 22.39 8.08 11.70
C TYR A 260 23.86 8.29 11.97
N GLU A 261 24.70 8.10 10.95
CA GLU A 261 26.15 8.07 11.16
C GLU A 261 26.67 9.48 11.49
N VAL A 262 27.64 9.52 12.40
CA VAL A 262 28.29 10.77 12.80
C VAL A 262 29.79 10.54 12.84
N ASP A 263 30.54 11.64 12.97
CA ASP A 263 31.95 11.54 13.25
C ASP A 263 32.18 11.64 14.76
N GLU A 264 33.45 11.67 15.18
CA GLU A 264 33.74 11.63 16.60
C GLU A 264 33.41 12.95 17.30
N ASN A 265 33.08 13.99 16.55
CA ASN A 265 32.60 15.24 17.11
C ASN A 265 31.10 15.42 16.93
N ARG A 266 30.37 14.32 16.76
CA ARG A 266 28.91 14.26 16.62
C ARG A 266 28.38 14.87 15.34
N LYS A 267 29.25 15.23 14.39
CA LYS A 267 28.71 15.88 13.20
C LYS A 267 28.16 14.84 12.23
N PRO A 268 27.05 15.15 11.55
CA PRO A 268 26.45 14.17 10.65
C PRO A 268 27.38 13.78 9.51
N VAL A 269 27.40 12.49 9.20
CA VAL A 269 28.18 11.92 8.11
C VAL A 269 27.21 11.24 7.15
N SER A 270 27.32 11.55 5.86
CA SER A 270 26.50 10.92 4.83
C SER A 270 27.47 10.23 3.88
N PHE A 271 27.79 8.96 4.15
CA PHE A 271 28.74 8.24 3.28
C PHE A 271 28.21 8.17 1.85
N ARG A 272 26.96 7.79 1.68
CA ARG A 272 26.28 7.86 0.40
C ARG A 272 25.38 9.08 0.37
N GLN A 273 25.21 9.66 -0.82
CA GLN A 273 24.45 10.90 -0.92
C GLN A 273 22.97 10.66 -0.58
N ARG A 274 22.38 11.64 0.09
CA ARG A 274 20.96 11.64 0.41
C ARG A 274 20.23 12.50 -0.62
N ILE A 275 19.20 11.94 -1.23
CA ILE A 275 18.46 12.58 -2.30
C ILE A 275 17.17 13.13 -1.72
N SER A 276 16.96 14.44 -1.87
CA SER A 276 15.73 15.03 -1.37
C SER A 276 14.51 14.39 -2.04
N THR A 277 13.46 14.18 -1.25
CA THR A 277 12.25 13.58 -1.79
C THR A 277 11.35 14.63 -2.41
N SER B 2 -33.89 -5.41 -24.72
CA SER B 2 -33.33 -5.09 -23.41
C SER B 2 -32.78 -3.66 -23.35
N LEU B 3 -32.99 -2.98 -22.21
CA LEU B 3 -32.38 -1.67 -22.03
C LEU B 3 -30.87 -1.77 -21.89
N ALA B 4 -30.33 -2.96 -21.64
CA ALA B 4 -28.88 -3.13 -21.51
C ALA B 4 -28.14 -2.72 -22.77
N VAL B 5 -28.83 -2.62 -23.93
CA VAL B 5 -28.13 -2.16 -25.11
C VAL B 5 -27.61 -0.74 -24.95
N TYR B 6 -28.19 0.03 -24.02
CA TYR B 6 -27.77 1.41 -23.77
C TYR B 6 -26.61 1.49 -22.79
N ARG B 7 -26.26 0.40 -22.12
CA ARG B 7 -25.24 0.45 -21.08
C ARG B 7 -23.87 0.77 -21.67
N ARG B 8 -23.16 1.72 -21.04
CA ARG B 8 -21.79 2.03 -21.40
C ARG B 8 -20.96 0.75 -21.48
N LYS B 9 -20.09 0.66 -22.49
CA LYS B 9 -19.24 -0.51 -22.60
C LYS B 9 -17.91 -0.33 -21.89
N ASP B 10 -17.64 0.85 -21.35
CA ASP B 10 -16.43 1.09 -20.59
C ASP B 10 -16.76 2.16 -19.55
N GLY B 11 -15.82 2.36 -18.63
CA GLY B 11 -16.02 3.34 -17.58
C GLY B 11 -15.43 4.71 -17.84
N GLY B 12 -15.27 5.06 -19.11
CA GLY B 12 -14.76 6.36 -19.46
C GLY B 12 -15.81 7.45 -19.28
N PRO B 13 -15.39 8.69 -19.51
CA PRO B 13 -16.27 9.83 -19.24
C PRO B 13 -17.39 9.91 -20.25
N ALA B 14 -18.54 10.40 -19.78
CA ALA B 14 -19.66 10.73 -20.66
C ALA B 14 -19.44 12.16 -21.14
N THR B 15 -18.82 12.29 -22.31
CA THR B 15 -18.39 13.62 -22.72
C THR B 15 -19.57 14.53 -23.01
N LYS B 16 -20.72 13.98 -23.43
CA LYS B 16 -21.90 14.82 -23.62
C LYS B 16 -22.31 15.50 -22.31
N PHE B 17 -22.20 14.79 -21.19
CA PHE B 17 -22.52 15.40 -19.90
C PHE B 17 -21.54 16.53 -19.58
N TRP B 18 -20.24 16.28 -19.75
CA TRP B 18 -19.27 17.27 -19.33
C TRP B 18 -19.24 18.47 -20.26
N GLU B 19 -19.70 18.32 -21.51
CA GLU B 19 -19.77 19.43 -22.43
C GLU B 19 -21.07 20.21 -22.34
N SER B 20 -22.04 19.74 -21.55
CA SER B 20 -23.36 20.33 -21.54
C SER B 20 -23.36 21.69 -20.84
N PRO B 21 -24.21 22.62 -21.30
CA PRO B 21 -24.23 23.95 -20.68
C PRO B 21 -24.46 23.94 -19.19
N GLU B 22 -25.34 23.06 -18.69
CA GLU B 22 -25.61 23.04 -17.26
C GLU B 22 -24.39 22.60 -16.48
N THR B 23 -23.63 21.64 -17.01
CA THR B 23 -22.44 21.19 -16.31
C THR B 23 -21.35 22.25 -16.30
N VAL B 24 -21.19 22.93 -17.43
CA VAL B 24 -20.23 24.03 -17.47
C VAL B 24 -20.63 25.13 -16.47
N SER B 25 -21.93 25.39 -16.36
CA SER B 25 -22.41 26.38 -15.40
C SER B 25 -22.12 25.94 -13.97
N GLN B 26 -22.23 24.65 -13.69
CA GLN B 26 -21.94 24.16 -12.34
C GLN B 26 -20.47 24.31 -11.98
N LEU B 27 -19.60 24.33 -12.99
CA LEU B 27 -18.17 24.46 -12.72
C LEU B 27 -17.76 25.89 -12.37
N ASP B 28 -18.64 26.87 -12.56
CA ASP B 28 -18.31 28.26 -12.24
C ASP B 28 -17.89 28.40 -10.78
N SER B 29 -18.67 27.85 -9.86
CA SER B 29 -18.33 27.97 -8.44
C SER B 29 -17.03 27.22 -8.12
N VAL B 30 -16.77 26.11 -8.80
CA VAL B 30 -15.51 25.40 -8.65
C VAL B 30 -14.34 26.30 -9.09
N ARG B 31 -14.49 26.94 -10.25
CA ARG B 31 -13.45 27.84 -10.76
C ARG B 31 -13.18 28.97 -9.77
N VAL B 32 -14.25 29.58 -9.23
CA VAL B 32 -14.07 30.69 -8.29
C VAL B 32 -13.38 30.19 -7.03
N TRP B 33 -13.81 29.04 -6.53
CA TRP B 33 -13.20 28.47 -5.32
C TRP B 33 -11.73 28.17 -5.53
N LEU B 34 -11.36 27.57 -6.67
CA LEU B 34 -9.95 27.34 -6.99
C LEU B 34 -9.16 28.64 -7.04
N GLY B 35 -9.77 29.70 -7.57
CA GLY B 35 -9.06 30.97 -7.63
C GLY B 35 -8.75 31.54 -6.26
N LYS B 36 -9.51 31.14 -5.25
CA LYS B 36 -9.30 31.65 -3.90
C LYS B 36 -8.42 30.76 -3.04
N HIS B 37 -8.41 29.44 -3.28
CA HIS B 37 -7.79 28.50 -2.36
C HIS B 37 -6.67 27.67 -2.96
N TYR B 38 -6.55 27.63 -4.28
CA TYR B 38 -5.41 27.07 -5.00
C TYR B 38 -4.85 28.14 -5.93
N LYS B 39 -4.88 29.39 -5.47
CA LYS B 39 -4.63 30.53 -6.34
C LYS B 39 -3.26 30.46 -6.99
N LYS B 40 -2.23 30.11 -6.22
CA LYS B 40 -0.86 30.06 -6.76
C LYS B 40 -0.72 29.07 -7.90
N TYR B 41 -1.60 28.07 -7.98
CA TYR B 41 -1.46 27.01 -8.96
C TYR B 41 -2.37 27.18 -10.17
N VAL B 42 -3.41 28.00 -10.08
CA VAL B 42 -4.33 28.22 -11.20
C VAL B 42 -4.23 29.61 -11.77
N HIS B 43 -3.60 30.56 -11.08
CA HIS B 43 -3.64 31.96 -11.51
C HIS B 43 -3.09 32.14 -12.91
N ALA B 44 -1.99 31.45 -13.23
CA ALA B 44 -1.35 31.66 -14.53
C ALA B 44 -2.17 31.08 -15.67
N ASP B 45 -2.74 29.88 -15.49
CA ASP B 45 -3.54 29.28 -16.54
C ASP B 45 -4.89 29.98 -16.69
N ALA B 46 -5.41 30.54 -15.62
CA ALA B 46 -6.72 31.20 -15.58
C ALA B 46 -7.77 30.34 -16.29
N PRO B 47 -7.99 29.12 -15.84
CA PRO B 47 -8.90 28.22 -16.57
C PRO B 47 -10.33 28.75 -16.58
N THR B 48 -10.96 28.64 -17.75
CA THR B 48 -12.38 28.92 -17.82
C THR B 48 -13.18 27.72 -17.33
N ASN B 49 -14.49 27.91 -17.20
CA ASN B 49 -15.35 26.79 -16.83
C ASN B 49 -15.24 25.65 -17.85
N LYS B 50 -15.23 26.00 -19.15
CA LYS B 50 -15.10 24.96 -20.17
C LYS B 50 -13.75 24.27 -20.13
N THR B 51 -12.68 25.01 -19.83
CA THR B 51 -11.38 24.38 -19.68
C THR B 51 -11.40 23.36 -18.55
N LEU B 52 -12.01 23.71 -17.42
CA LEU B 52 -12.11 22.76 -16.31
C LEU B 52 -12.94 21.54 -16.70
N ALA B 53 -14.04 21.74 -17.44
CA ALA B 53 -14.82 20.59 -17.89
C ALA B 53 -13.99 19.71 -18.81
N GLY B 54 -13.23 20.32 -19.71
CA GLY B 54 -12.36 19.55 -20.59
C GLY B 54 -11.29 18.80 -19.82
N LEU B 55 -10.77 19.42 -18.75
CA LEU B 55 -9.76 18.75 -17.93
C LEU B 55 -10.35 17.55 -17.21
N VAL B 56 -11.58 17.67 -16.70
CA VAL B 56 -12.24 16.53 -16.07
C VAL B 56 -12.36 15.37 -17.05
N VAL B 57 -12.75 15.65 -18.30
CA VAL B 57 -12.87 14.59 -19.28
C VAL B 57 -11.52 13.92 -19.51
N GLN B 58 -10.45 14.73 -19.62
CA GLN B 58 -9.13 14.17 -19.85
C GLN B 58 -8.67 13.31 -18.67
N LEU B 59 -8.97 13.75 -17.45
CA LEU B 59 -8.60 12.96 -16.27
C LEU B 59 -9.38 11.65 -16.22
N LEU B 60 -10.69 11.72 -16.41
CA LEU B 60 -11.52 10.51 -16.40
C LEU B 60 -11.12 9.56 -17.53
N GLN B 61 -10.79 10.10 -18.71
CA GLN B 61 -10.39 9.21 -19.79
C GLN B 61 -9.05 8.56 -19.49
N PHE B 62 -8.12 9.31 -18.90
CA PHE B 62 -6.84 8.72 -18.54
C PHE B 62 -7.02 7.59 -17.56
N GLN B 63 -7.84 7.78 -16.52
CA GLN B 63 -7.86 6.70 -15.54
C GLN B 63 -8.62 5.49 -16.07
N GLU B 64 -9.54 5.68 -17.02
CA GLU B 64 -10.14 4.52 -17.66
C GLU B 64 -9.14 3.82 -18.58
N ASP B 65 -8.36 4.59 -19.35
CA ASP B 65 -7.39 4.00 -20.26
C ASP B 65 -6.30 3.27 -19.51
N ALA B 66 -5.83 3.84 -18.40
CA ALA B 66 -4.71 3.29 -17.65
C ALA B 66 -5.13 2.25 -16.62
N PHE B 67 -6.31 2.39 -16.01
CA PHE B 67 -6.68 1.57 -14.87
C PHE B 67 -8.00 0.85 -15.07
N GLY B 68 -8.58 0.90 -16.26
CA GLY B 68 -9.86 0.28 -16.53
C GLY B 68 -9.80 -1.23 -16.47
N LYS B 69 -10.99 -1.84 -16.62
CA LYS B 69 -11.12 -3.29 -16.39
C LYS B 69 -10.37 -4.13 -17.42
N HIS B 70 -9.99 -3.54 -18.57
CA HIS B 70 -9.24 -4.27 -19.57
C HIS B 70 -7.76 -4.40 -19.26
N VAL B 71 -7.28 -3.73 -18.21
CA VAL B 71 -5.86 -3.65 -17.91
C VAL B 71 -5.48 -4.74 -16.92
N THR B 72 -4.49 -5.56 -17.28
CA THR B 72 -3.93 -6.55 -16.36
C THR B 72 -2.96 -5.88 -15.40
N ASN B 73 -3.09 -6.18 -14.11
CA ASN B 73 -2.27 -5.61 -13.05
C ASN B 73 -2.08 -4.10 -13.21
N PRO B 74 -3.15 -3.31 -13.11
CA PRO B 74 -3.03 -1.87 -13.25
C PRO B 74 -2.20 -1.27 -12.12
N ALA B 75 -1.67 -0.07 -12.36
CA ALA B 75 -0.79 0.56 -11.39
C ALA B 75 -1.52 1.34 -10.31
N PHE B 76 -2.84 1.49 -10.41
CA PHE B 76 -3.63 2.35 -9.54
C PHE B 76 -5.07 1.86 -9.60
N THR B 77 -5.82 2.09 -8.53
CA THR B 77 -7.25 1.78 -8.50
C THR B 77 -8.04 3.03 -8.87
N LYS B 78 -9.06 2.87 -9.71
CA LYS B 78 -9.82 4.05 -10.14
C LYS B 78 -10.40 4.80 -8.95
N LEU B 79 -10.34 6.13 -9.02
CA LEU B 79 -11.04 6.97 -8.07
C LEU B 79 -12.55 6.82 -8.26
N PRO B 80 -13.33 6.90 -7.19
CA PRO B 80 -14.78 6.77 -7.34
C PRO B 80 -15.35 7.83 -8.26
N ALA B 81 -16.28 7.40 -9.11
CA ALA B 81 -16.93 8.34 -10.03
C ALA B 81 -17.68 9.42 -9.27
N LYS B 82 -18.21 9.11 -8.08
CA LYS B 82 -18.97 10.09 -7.31
C LYS B 82 -18.13 11.30 -6.96
N CYS B 83 -16.81 11.13 -6.82
CA CYS B 83 -15.94 12.24 -6.47
C CYS B 83 -16.01 13.33 -7.52
N PHE B 84 -16.04 12.92 -8.78
CA PHE B 84 -16.05 13.91 -9.85
C PHE B 84 -17.40 14.59 -10.00
N MET B 85 -18.45 14.07 -9.38
CA MET B 85 -19.78 14.68 -9.47
C MET B 85 -20.10 15.59 -8.29
N ASP B 86 -19.13 15.83 -7.40
CA ASP B 86 -19.33 16.70 -6.25
C ASP B 86 -18.86 18.09 -6.64
N PHE B 87 -19.81 18.97 -6.97
CA PHE B 87 -19.53 20.32 -7.46
C PHE B 87 -19.58 21.37 -6.36
N LYS B 88 -19.76 20.97 -5.11
CA LYS B 88 -19.90 21.97 -4.06
C LYS B 88 -18.55 22.59 -3.72
N ALA B 89 -18.58 23.87 -3.35
CA ALA B 89 -17.37 24.60 -2.98
C ALA B 89 -16.61 23.83 -1.91
N GLY B 90 -15.33 23.60 -2.17
CA GLY B 90 -14.51 22.83 -1.27
C GLY B 90 -14.79 21.34 -1.29
N GLY B 91 -15.58 20.85 -2.25
CA GLY B 91 -15.89 19.45 -2.34
C GLY B 91 -14.83 18.67 -3.10
N ALA B 92 -15.19 17.43 -3.46
CA ALA B 92 -14.20 16.53 -4.03
C ALA B 92 -13.66 17.02 -5.39
N LEU B 93 -14.53 17.51 -6.28
CA LEU B 93 -14.03 17.98 -7.57
C LEU B 93 -13.08 19.17 -7.41
N CYS B 94 -13.42 20.10 -6.50
CA CYS B 94 -12.51 21.19 -6.17
C CYS B 94 -11.11 20.66 -5.84
N HIS B 95 -11.05 19.65 -4.97
CA HIS B 95 -9.75 19.15 -4.55
C HIS B 95 -9.07 18.30 -5.62
N ILE B 96 -9.86 17.61 -6.46
CA ILE B 96 -9.26 16.91 -7.59
C ILE B 96 -8.55 17.90 -8.51
N LEU B 97 -9.26 18.93 -8.93
CA LEU B 97 -8.67 19.90 -9.85
C LEU B 97 -7.57 20.69 -9.19
N GLY B 98 -7.76 21.08 -7.92
CA GLY B 98 -6.71 21.78 -7.21
C GLY B 98 -5.45 20.96 -7.13
N ALA B 99 -5.58 19.68 -6.75
CA ALA B 99 -4.41 18.81 -6.70
C ALA B 99 -3.77 18.63 -8.06
N ALA B 100 -4.57 18.59 -9.14
CA ALA B 100 -3.97 18.41 -10.46
C ALA B 100 -3.15 19.63 -10.85
N TYR B 101 -3.69 20.83 -10.61
CA TYR B 101 -2.94 22.04 -10.94
C TYR B 101 -1.73 22.21 -10.02
N LYS B 102 -1.83 21.78 -8.76
CA LYS B 102 -0.67 21.87 -7.88
C LYS B 102 0.44 20.93 -8.36
N TYR B 103 0.07 19.69 -8.71
CA TYR B 103 1.05 18.74 -9.21
C TYR B 103 1.68 19.22 -10.51
N LYS B 104 0.88 19.74 -11.42
CA LYS B 104 1.40 20.31 -12.66
C LYS B 104 2.46 21.36 -12.36
N ASN B 105 2.18 22.24 -11.39
CA ASN B 105 3.11 23.30 -11.04
C ASN B 105 4.40 22.73 -10.45
N GLU B 106 4.28 21.71 -9.61
CA GLU B 106 5.45 21.08 -9.00
C GLU B 106 6.33 20.42 -10.04
N GLN B 107 5.71 19.83 -11.07
CA GLN B 107 6.48 19.15 -12.11
C GLN B 107 7.05 20.10 -13.15
N GLY B 108 6.61 21.36 -13.15
CA GLY B 108 7.04 22.28 -14.18
C GLY B 108 6.51 21.97 -15.57
N TRP B 109 5.43 21.18 -15.66
CA TRP B 109 4.79 20.94 -16.95
C TRP B 109 4.31 22.25 -17.53
N ARG B 110 4.46 22.40 -18.85
CA ARG B 110 3.84 23.51 -19.54
C ARG B 110 2.33 23.32 -19.68
N ARG B 111 1.89 22.07 -19.79
CA ARG B 111 0.47 21.77 -19.98
C ARG B 111 0.22 20.35 -19.49
N PHE B 112 -1.05 20.05 -19.24
CA PHE B 112 -1.43 18.65 -19.02
C PHE B 112 -1.28 17.89 -20.32
N ASP B 113 -0.77 16.65 -20.24
CA ASP B 113 -0.67 15.81 -21.43
C ASP B 113 -1.01 14.38 -21.02
N LEU B 114 -2.30 14.13 -20.88
CA LEU B 114 -2.80 12.86 -20.38
C LEU B 114 -2.88 11.77 -21.45
N GLN B 115 -2.50 12.08 -22.68
CA GLN B 115 -2.43 11.10 -23.76
C GLN B 115 -1.01 10.79 -24.21
N ASN B 116 -0.01 11.36 -23.55
CA ASN B 116 1.38 11.17 -23.94
C ASN B 116 1.93 9.89 -23.31
N PRO B 117 2.29 8.87 -24.09
CA PRO B 117 2.79 7.63 -23.49
C PRO B 117 4.06 7.82 -22.66
N SER B 118 4.91 8.77 -23.04
CA SER B 118 6.14 8.99 -22.30
C SER B 118 5.90 9.59 -20.92
N ARG B 119 4.72 10.17 -20.69
CA ARG B 119 4.39 10.77 -19.41
C ARG B 119 3.51 9.87 -18.56
N MET B 120 3.32 8.61 -18.98
CA MET B 120 2.42 7.70 -18.27
C MET B 120 2.76 7.63 -16.78
N ASP B 121 4.03 7.41 -16.45
CA ASP B 121 4.38 7.18 -15.05
C ASP B 121 4.13 8.43 -14.20
N ARG B 122 4.41 9.62 -14.75
CA ARG B 122 4.18 10.83 -13.98
C ARG B 122 2.71 11.18 -13.93
N ASN B 123 1.92 10.78 -14.95
CA ASN B 123 0.47 10.93 -14.85
C ASN B 123 -0.11 10.01 -13.76
N VAL B 124 0.43 8.80 -13.65
CA VAL B 124 0.04 7.93 -12.54
C VAL B 124 0.38 8.57 -11.20
N GLU B 125 1.58 9.14 -11.09
CA GLU B 125 1.97 9.79 -9.86
C GLU B 125 1.05 10.97 -9.55
N MET B 126 0.60 11.69 -10.59
CA MET B 126 -0.39 12.75 -10.36
C MET B 126 -1.63 12.18 -9.69
N PHE B 127 -2.12 11.05 -10.18
CA PHE B 127 -3.34 10.46 -9.62
C PHE B 127 -3.11 9.98 -8.19
N MET B 128 -1.92 9.48 -7.89
CA MET B 128 -1.61 9.15 -6.51
C MET B 128 -1.68 10.39 -5.61
N ASN B 129 -1.25 11.54 -6.13
CA ASN B 129 -1.34 12.78 -5.37
C ASN B 129 -2.78 13.26 -5.26
N ILE B 130 -3.57 13.11 -6.33
CA ILE B 130 -5.00 13.44 -6.26
C ILE B 130 -5.68 12.60 -5.18
N GLU B 131 -5.43 11.30 -5.17
CA GLU B 131 -6.04 10.42 -4.17
C GLU B 131 -5.66 10.85 -2.75
N LYS B 132 -4.38 11.10 -2.53
CA LYS B 132 -3.95 11.54 -1.19
C LYS B 132 -4.61 12.85 -0.79
N THR B 133 -4.73 13.81 -1.72
CA THR B 133 -5.38 15.06 -1.39
C THR B 133 -6.85 14.83 -1.00
N LEU B 134 -7.53 13.92 -1.72
CA LEU B 134 -8.92 13.64 -1.37
C LEU B 134 -9.03 12.97 -0.02
N VAL B 135 -8.12 12.03 0.28
CA VAL B 135 -8.20 11.33 1.55
C VAL B 135 -7.89 12.29 2.69
N GLN B 136 -6.84 13.08 2.53
CA GLN B 136 -6.40 13.91 3.64
C GLN B 136 -7.29 15.12 3.86
N ASN B 137 -8.15 15.48 2.90
CA ASN B 137 -9.15 16.52 3.10
C ASN B 137 -10.53 15.93 3.39
N ASN B 138 -10.59 14.64 3.73
CA ASN B 138 -11.81 13.95 4.16
C ASN B 138 -12.88 13.91 3.10
N CYS B 139 -12.49 13.99 1.84
CA CYS B 139 -13.44 13.82 0.75
C CYS B 139 -13.65 12.37 0.38
N LEU B 140 -12.64 11.54 0.63
CA LEU B 140 -12.61 10.16 0.21
C LEU B 140 -12.11 9.34 1.39
N THR B 141 -12.80 8.26 1.70
CA THR B 141 -12.28 7.30 2.68
C THR B 141 -12.35 5.92 2.06
N ARG B 142 -11.20 5.31 1.83
CA ARG B 142 -11.14 3.98 1.26
C ARG B 142 -11.64 2.95 2.27
N PRO B 143 -12.08 1.79 1.81
CA PRO B 143 -12.70 0.83 2.72
C PRO B 143 -11.73 0.34 3.78
N ASN B 144 -12.25 0.21 5.00
CA ASN B 144 -11.58 -0.45 6.12
C ASN B 144 -12.49 -1.60 6.54
N ILE B 145 -12.15 -2.81 6.13
CA ILE B 145 -13.10 -3.91 6.00
C ILE B 145 -12.92 -4.92 7.13
N TYR B 146 -14.03 -5.31 7.75
CA TYR B 146 -14.07 -6.42 8.69
C TYR B 146 -14.74 -7.60 8.00
N LEU B 147 -14.06 -8.74 7.98
CA LEU B 147 -14.61 -9.96 7.40
C LEU B 147 -15.30 -10.78 8.50
N ILE B 148 -16.59 -11.06 8.31
CA ILE B 148 -17.34 -11.92 9.22
C ILE B 148 -16.60 -13.24 9.37
N PRO B 149 -16.32 -13.70 10.60
CA PRO B 149 -15.42 -14.86 10.75
C PRO B 149 -15.97 -16.14 10.16
N ASP B 150 -17.27 -16.21 9.86
CA ASP B 150 -17.82 -17.37 9.20
C ASP B 150 -17.24 -17.58 7.81
N ILE B 151 -16.60 -16.56 7.24
CA ILE B 151 -15.88 -16.73 5.99
C ILE B 151 -14.65 -17.57 6.25
N ASP B 152 -14.51 -18.67 5.49
CA ASP B 152 -13.38 -19.56 5.71
C ASP B 152 -12.07 -18.86 5.36
N LEU B 153 -10.97 -19.43 5.85
CA LEU B 153 -9.68 -18.76 5.77
C LEU B 153 -9.19 -18.61 4.33
N LYS B 154 -9.44 -19.61 3.49
CA LYS B 154 -8.90 -19.56 2.13
C LYS B 154 -9.59 -18.47 1.31
N LEU B 155 -10.92 -18.39 1.38
CA LEU B 155 -11.60 -17.28 0.71
C LEU B 155 -11.24 -15.95 1.36
N ALA B 156 -11.15 -15.93 2.70
CA ALA B 156 -10.76 -14.69 3.37
C ALA B 156 -9.39 -14.24 2.88
N ASN B 157 -8.49 -15.19 2.62
CA ASN B 157 -7.16 -14.85 2.11
C ASN B 157 -7.24 -14.29 0.69
N LYS B 158 -8.14 -14.83 -0.14
CA LYS B 158 -8.34 -14.25 -1.46
C LYS B 158 -8.88 -12.82 -1.36
N LEU B 159 -9.76 -12.57 -0.39
CA LEU B 159 -10.39 -11.27 -0.26
C LEU B 159 -9.42 -10.24 0.29
N LYS B 160 -8.63 -10.61 1.31
CA LYS B 160 -7.64 -9.69 1.84
C LYS B 160 -6.66 -9.24 0.77
N ASP B 161 -6.28 -10.16 -0.13
CA ASP B 161 -5.36 -9.80 -1.20
C ASP B 161 -6.01 -8.80 -2.16
N ILE B 162 -7.28 -9.01 -2.51
CA ILE B 162 -7.98 -8.05 -3.35
C ILE B 162 -8.05 -6.70 -2.66
N ILE B 163 -8.39 -6.71 -1.36
CA ILE B 163 -8.54 -5.46 -0.60
C ILE B 163 -7.26 -4.67 -0.61
N LYS B 164 -6.13 -5.32 -0.31
CA LYS B 164 -4.85 -4.62 -0.31
C LYS B 164 -4.51 -4.08 -1.71
N ARG B 165 -4.79 -4.84 -2.75
CA ARG B 165 -4.44 -4.39 -4.08
C ARG B 165 -5.30 -3.23 -4.58
N HIS B 166 -6.32 -2.82 -3.83
CA HIS B 166 -7.21 -1.74 -4.27
C HIS B 166 -7.29 -0.63 -3.24
N GLN B 167 -6.18 -0.34 -2.56
CA GLN B 167 -6.05 0.77 -1.63
C GLN B 167 -6.92 0.63 -0.39
N GLY B 168 -7.42 -0.58 -0.13
CA GLY B 168 -8.20 -0.83 1.05
C GLY B 168 -7.37 -1.42 2.18
N THR B 169 -7.96 -1.42 3.37
CA THR B 169 -7.39 -2.10 4.52
C THR B 169 -8.44 -3.01 5.14
N PHE B 170 -7.96 -3.93 5.97
CA PHE B 170 -8.86 -4.79 6.71
C PHE B 170 -8.49 -4.75 8.19
N THR B 171 -9.48 -5.02 9.04
CA THR B 171 -9.30 -4.89 10.48
C THR B 171 -10.08 -6.00 11.18
N ASP B 172 -9.63 -6.37 12.37
CA ASP B 172 -10.35 -7.38 13.13
C ASP B 172 -11.19 -6.78 14.25
N GLU B 173 -11.30 -5.46 14.33
CA GLU B 173 -12.20 -4.83 15.28
C GLU B 173 -13.43 -4.32 14.55
N LYS B 174 -14.59 -4.90 14.86
CA LYS B 174 -15.83 -4.65 14.13
C LYS B 174 -16.23 -3.18 14.19
N SER B 175 -16.05 -2.53 15.35
CA SER B 175 -16.55 -1.19 15.53
C SER B 175 -15.79 -0.15 14.71
N LYS B 176 -14.59 -0.48 14.25
CA LYS B 176 -13.81 0.48 13.46
C LYS B 176 -14.03 0.34 11.97
N ALA B 177 -14.67 -0.74 11.52
CA ALA B 177 -14.76 -1.02 10.10
C ALA B 177 -15.81 -0.16 9.41
N SER B 178 -15.51 0.21 8.15
CA SER B 178 -16.49 0.88 7.32
C SER B 178 -17.47 -0.11 6.71
N HIS B 179 -17.03 -1.36 6.54
CA HIS B 179 -17.79 -2.39 5.87
C HIS B 179 -17.66 -3.69 6.64
N HIS B 180 -18.77 -4.43 6.75
CA HIS B 180 -18.77 -5.80 7.25
C HIS B 180 -19.14 -6.73 6.10
N ILE B 181 -18.28 -7.71 5.82
CA ILE B 181 -18.41 -8.59 4.66
C ILE B 181 -18.98 -9.93 5.12
N TYR B 182 -20.11 -10.32 4.52
CA TYR B 182 -20.76 -11.58 4.86
C TYR B 182 -20.65 -12.59 3.72
N PRO B 183 -20.67 -13.89 4.02
CA PRO B 183 -20.68 -14.89 2.95
C PRO B 183 -21.97 -14.86 2.14
N TYR B 184 -21.86 -15.23 0.86
CA TYR B 184 -22.98 -15.09 -0.07
C TYR B 184 -23.21 -16.41 -0.81
N SER B 185 -24.48 -16.80 -0.91
CA SER B 185 -24.87 -18.00 -1.63
C SER B 185 -25.45 -17.68 -3.00
N GLU B 191 -29.32 -9.50 -10.75
CA GLU B 191 -29.11 -9.79 -12.16
C GLU B 191 -30.12 -9.08 -13.06
N GLU B 192 -29.61 -8.40 -14.10
CA GLU B 192 -30.44 -7.90 -15.19
C GLU B 192 -31.35 -6.75 -14.76
N TRP B 193 -30.77 -5.74 -14.11
CA TRP B 193 -31.58 -4.64 -13.61
C TRP B 193 -30.78 -3.36 -13.53
N LEU B 194 -31.49 -2.26 -13.31
CA LEU B 194 -30.91 -0.94 -13.19
C LEU B 194 -31.67 -0.16 -12.12
N ARG B 195 -31.14 0.99 -11.73
CA ARG B 195 -31.97 1.97 -11.03
C ARG B 195 -31.63 3.37 -11.49
N PRO B 196 -32.63 4.23 -11.66
CA PRO B 196 -32.36 5.62 -12.01
C PRO B 196 -31.83 6.38 -10.81
N VAL B 197 -30.88 7.31 -11.06
CA VAL B 197 -30.23 7.96 -9.93
C VAL B 197 -30.18 9.48 -10.08
N MET B 198 -30.41 9.99 -11.29
CA MET B 198 -30.43 11.44 -11.51
C MET B 198 -31.22 11.75 -12.79
N ARG B 199 -31.90 12.89 -12.78
CA ARG B 199 -32.71 13.31 -13.92
C ARG B 199 -32.25 14.67 -14.43
N LYS B 200 -32.26 14.85 -15.75
CA LYS B 200 -31.98 16.15 -16.33
C LYS B 200 -32.70 16.28 -17.65
N GLU B 201 -33.44 17.38 -17.81
CA GLU B 201 -34.50 17.52 -18.81
C GLU B 201 -35.19 16.18 -19.03
N LYS B 202 -35.06 15.61 -20.22
CA LYS B 202 -35.69 14.33 -20.53
C LYS B 202 -34.67 13.18 -20.59
N GLN B 203 -33.51 13.36 -19.96
CA GLN B 203 -32.52 12.29 -19.86
C GLN B 203 -32.36 11.90 -18.40
N VAL B 204 -32.09 10.61 -18.18
CA VAL B 204 -32.03 10.03 -16.86
C VAL B 204 -30.75 9.23 -16.74
N LEU B 205 -30.02 9.43 -15.64
CA LEU B 205 -28.80 8.70 -15.36
C LEU B 205 -29.18 7.39 -14.67
N VAL B 206 -28.78 6.26 -15.24
CA VAL B 206 -29.14 4.96 -14.66
C VAL B 206 -27.88 4.25 -14.22
N HIS B 207 -27.99 3.58 -13.08
CA HIS B 207 -26.96 2.72 -12.54
C HIS B 207 -27.30 1.27 -12.88
N TRP B 208 -26.36 0.55 -13.44
CA TRP B 208 -26.56 -0.85 -13.79
C TRP B 208 -26.11 -1.73 -12.65
N GLY B 209 -26.99 -2.66 -12.23
CA GLY B 209 -26.62 -3.52 -11.11
C GLY B 209 -25.35 -4.31 -11.34
N PHE B 210 -24.47 -4.31 -10.35
CA PHE B 210 -23.19 -5.02 -10.38
C PHE B 210 -22.23 -4.46 -11.45
N TYR B 211 -22.42 -3.20 -11.82
CA TYR B 211 -21.39 -2.42 -12.50
C TYR B 211 -20.99 -1.25 -11.60
N PRO B 212 -19.76 -0.80 -11.66
CA PRO B 212 -19.36 0.35 -10.84
C PRO B 212 -20.00 1.63 -11.37
N ASP B 213 -19.94 2.68 -10.55
CA ASP B 213 -20.60 3.94 -10.90
C ASP B 213 -20.06 4.59 -12.18
N SER B 214 -18.81 4.31 -12.58
CA SER B 214 -18.32 4.88 -13.82
C SER B 214 -19.06 4.35 -15.05
N TYR B 215 -19.82 3.26 -14.91
CA TYR B 215 -20.65 2.77 -16.01
C TYR B 215 -22.05 3.35 -16.00
N ASP B 216 -22.40 4.19 -15.02
CA ASP B 216 -23.70 4.84 -15.01
C ASP B 216 -23.89 5.58 -16.32
N THR B 217 -25.07 5.44 -16.93
CA THR B 217 -25.30 5.87 -18.31
C THR B 217 -26.50 6.80 -18.39
N TRP B 218 -26.35 7.89 -19.13
CA TRP B 218 -27.47 8.75 -19.45
C TRP B 218 -28.27 8.14 -20.59
N VAL B 219 -29.57 7.92 -20.35
CA VAL B 219 -30.49 7.42 -21.37
C VAL B 219 -31.71 8.33 -21.39
N HIS B 220 -32.59 8.08 -22.35
CA HIS B 220 -33.81 8.89 -22.47
C HIS B 220 -34.87 8.43 -21.48
N SER B 221 -35.50 9.38 -20.82
CA SER B 221 -36.58 9.10 -19.88
C SER B 221 -37.76 8.38 -20.54
N ASN B 222 -37.85 8.40 -21.88
CA ASN B 222 -38.90 7.64 -22.55
C ASN B 222 -38.73 6.15 -22.29
N ASP B 223 -37.49 5.67 -22.25
CA ASP B 223 -37.21 4.25 -22.09
C ASP B 223 -37.07 3.83 -20.64
N VAL B 224 -36.77 4.76 -19.75
CA VAL B 224 -36.68 4.50 -18.31
C VAL B 224 -37.52 5.57 -17.62
N ASP B 225 -38.79 5.24 -17.37
CA ASP B 225 -39.70 6.18 -16.72
C ASP B 225 -39.88 5.89 -15.24
N ALA B 226 -39.06 5.01 -14.67
CA ALA B 226 -39.08 4.80 -13.23
C ALA B 226 -38.68 6.07 -12.50
N GLU B 227 -39.22 6.25 -11.31
CA GLU B 227 -38.91 7.42 -10.51
C GLU B 227 -37.59 7.22 -9.79
N ILE B 228 -36.89 8.33 -9.51
CA ILE B 228 -35.69 8.29 -8.69
C ILE B 228 -36.11 8.27 -7.24
N GLU B 229 -35.68 7.25 -6.52
CA GLU B 229 -35.92 7.18 -5.08
C GLU B 229 -34.71 7.73 -4.34
N ASP B 230 -34.95 8.15 -3.10
CA ASP B 230 -33.88 8.77 -2.34
C ASP B 230 -32.85 7.73 -1.94
N PRO B 231 -31.57 8.01 -2.09
CA PRO B 231 -30.52 7.03 -1.76
C PRO B 231 -30.47 6.80 -0.27
N PRO B 232 -29.93 5.66 0.17
CA PRO B 232 -29.89 5.38 1.61
C PRO B 232 -28.99 6.35 2.34
N ILE B 233 -29.37 6.65 3.58
CA ILE B 233 -28.50 7.38 4.50
C ILE B 233 -27.41 6.40 4.94
N PRO B 234 -26.14 6.64 4.61
CA PRO B 234 -25.11 5.66 4.91
C PRO B 234 -24.87 5.50 6.40
N GLU B 235 -25.22 4.34 6.95
CA GLU B 235 -24.98 4.03 8.35
C GLU B 235 -23.71 3.20 8.47
N LYS B 236 -22.84 3.58 9.38
CA LYS B 236 -21.66 2.77 9.68
C LYS B 236 -22.08 1.54 10.47
N PRO B 237 -21.71 0.32 10.03
CA PRO B 237 -21.04 0.02 8.76
C PRO B 237 -22.01 -0.47 7.68
N TRP B 238 -21.54 -0.42 6.43
CA TRP B 238 -22.19 -1.18 5.37
C TRP B 238 -22.10 -2.67 5.68
N LYS B 239 -23.21 -3.38 5.48
CA LYS B 239 -23.22 -4.84 5.50
C LYS B 239 -23.41 -5.29 4.06
N VAL B 240 -22.38 -5.92 3.48
CA VAL B 240 -22.44 -6.38 2.09
C VAL B 240 -21.92 -7.82 2.04
N HIS B 241 -22.19 -8.50 0.93
CA HIS B 241 -21.67 -9.85 0.79
C HIS B 241 -20.40 -9.84 -0.07
N VAL B 242 -19.77 -11.01 -0.15
CA VAL B 242 -18.39 -11.10 -0.62
C VAL B 242 -18.22 -10.68 -2.06
N LYS B 243 -19.28 -10.78 -2.88
CA LYS B 243 -19.16 -10.42 -4.28
C LYS B 243 -18.86 -8.94 -4.48
N TRP B 244 -19.14 -8.11 -3.46
CA TRP B 244 -18.75 -6.70 -3.52
C TRP B 244 -17.26 -6.57 -3.70
N ILE B 245 -16.49 -7.42 -3.02
CA ILE B 245 -15.04 -7.39 -3.14
C ILE B 245 -14.59 -8.10 -4.41
N LEU B 246 -15.19 -9.27 -4.70
CA LEU B 246 -14.81 -10.00 -5.91
C LEU B 246 -15.03 -9.18 -7.17
N ASP B 247 -16.16 -8.46 -7.25
CA ASP B 247 -16.44 -7.68 -8.45
C ASP B 247 -15.52 -6.46 -8.55
N THR B 248 -15.14 -5.90 -7.40
CA THR B 248 -14.16 -4.81 -7.39
C THR B 248 -12.87 -5.24 -8.08
N ASP B 249 -12.47 -6.49 -7.89
CA ASP B 249 -11.26 -6.98 -8.55
C ASP B 249 -11.45 -7.09 -10.06
N ILE B 250 -12.67 -7.39 -10.53
CA ILE B 250 -12.91 -7.44 -11.97
C ILE B 250 -12.79 -6.04 -12.57
N PHE B 251 -13.33 -5.03 -11.90
CA PHE B 251 -13.47 -3.70 -12.49
C PHE B 251 -12.35 -2.74 -12.10
N ASN B 252 -11.50 -3.13 -11.14
CA ASN B 252 -10.48 -2.22 -10.59
C ASN B 252 -11.09 -0.91 -10.11
N GLU B 253 -12.25 -1.01 -9.49
CA GLU B 253 -13.01 0.15 -9.06
C GLU B 253 -13.94 -0.39 -7.98
N TRP B 254 -13.94 0.22 -6.81
CA TRP B 254 -14.81 -0.27 -5.74
C TRP B 254 -16.25 -0.19 -6.21
N MET B 255 -16.99 -1.27 -6.00
CA MET B 255 -18.35 -1.38 -6.49
C MET B 255 -19.31 -0.60 -5.58
N ASN B 256 -20.55 -0.48 -6.04
CA ASN B 256 -21.54 0.28 -5.30
C ASN B 256 -22.16 -0.63 -4.25
N GLU B 257 -21.96 -0.28 -2.98
CA GLU B 257 -22.42 -1.12 -1.86
C GLU B 257 -23.91 -1.39 -1.94
N GLU B 258 -24.68 -0.47 -2.51
CA GLU B 258 -26.12 -0.65 -2.54
C GLU B 258 -26.52 -1.93 -3.27
N ASP B 259 -25.73 -2.35 -4.27
CA ASP B 259 -26.05 -3.53 -5.05
C ASP B 259 -25.80 -4.84 -4.31
N TYR B 260 -25.05 -4.80 -3.21
CA TYR B 260 -24.55 -5.99 -2.54
C TYR B 260 -24.99 -6.06 -1.09
N GLU B 261 -25.96 -5.23 -0.70
CA GLU B 261 -26.26 -5.09 0.71
C GLU B 261 -26.98 -6.34 1.23
N VAL B 262 -26.70 -6.68 2.48
CA VAL B 262 -27.39 -7.77 3.16
C VAL B 262 -27.91 -7.25 4.49
N ASP B 263 -28.87 -7.99 5.05
CA ASP B 263 -29.37 -7.69 6.39
C ASP B 263 -28.58 -8.50 7.42
N GLU B 264 -28.96 -8.34 8.69
CA GLU B 264 -28.24 -9.00 9.79
C GLU B 264 -28.20 -10.52 9.64
N ASN B 265 -29.16 -11.10 8.93
CA ASN B 265 -29.20 -12.53 8.73
C ASN B 265 -28.67 -12.94 7.36
N ARG B 266 -27.83 -12.09 6.75
CA ARG B 266 -27.06 -12.39 5.54
C ARG B 266 -27.93 -12.56 4.31
N LYS B 267 -29.18 -12.11 4.37
CA LYS B 267 -30.02 -12.17 3.19
C LYS B 267 -29.87 -10.89 2.39
N PRO B 268 -29.72 -10.97 1.07
CA PRO B 268 -29.67 -9.75 0.25
C PRO B 268 -30.87 -8.85 0.52
N VAL B 269 -30.61 -7.55 0.55
CA VAL B 269 -31.67 -6.55 0.70
C VAL B 269 -31.42 -5.43 -0.29
N SER B 270 -32.50 -4.76 -0.70
CA SER B 270 -32.38 -3.62 -1.61
C SER B 270 -33.42 -2.58 -1.20
N PHE B 271 -32.93 -1.54 -0.51
CA PHE B 271 -33.57 -0.27 -0.21
C PHE B 271 -34.43 0.23 -1.36
N ARG B 272 -33.77 0.58 -2.44
CA ARG B 272 -34.43 1.15 -3.61
C ARG B 272 -34.85 0.03 -4.56
N GLN B 273 -35.80 0.36 -5.42
CA GLN B 273 -36.31 -0.61 -6.37
C GLN B 273 -35.27 -0.96 -7.43
N ARG B 274 -35.26 -2.22 -7.84
CA ARG B 274 -34.49 -2.71 -8.97
C ARG B 274 -35.43 -2.80 -10.16
N ILE B 275 -35.07 -2.10 -11.23
CA ILE B 275 -35.91 -2.02 -12.44
C ILE B 275 -35.36 -3.02 -13.44
N SER B 276 -36.19 -3.97 -13.87
CA SER B 276 -35.71 -4.98 -14.82
C SER B 276 -35.33 -4.31 -16.14
N THR B 277 -34.29 -4.82 -16.78
CA THR B 277 -33.93 -4.31 -18.10
C THR B 277 -34.74 -4.97 -19.21
N LYS B 278 -35.97 -5.38 -18.91
CA LYS B 278 -36.90 -6.05 -19.84
C LYS B 278 -36.41 -7.46 -20.15
#